data_8UR2
#
_entry.id   8UR2
#
_cell.length_a   118.390
_cell.length_b   118.390
_cell.length_c   106.656
_cell.angle_alpha   90.00
_cell.angle_beta   90.00
_cell.angle_gamma   90.00
#
_symmetry.space_group_name_H-M   'I 41'
#
loop_
_entity.id
_entity.type
_entity.pdbx_description
1 polymer 'MACROPHAGE MIGRATION INHIBITORY FACTOR'
2 non-polymer 'IODIDE ION'
3 non-polymer 'PYRUVIC ACID'
4 water water
#
_entity_poly.entity_id   1
_entity_poly.type   'polypeptide(L)'
_entity_poly.pdbx_seq_one_letter_code
;MAHHHHHHMGTLEAQTQGPGSMPALVIKTNAKFTEEEKSKATEELGNIVSKVLGKPISYVMVTLEDGVAVRFGGSDEKAA
FMSLMSIGGLNRAVNKRASAALTKWFTDHGFQGDRIYIVFNPKSAEDWGFNGDTFA
;
_entity_poly.pdbx_strand_id   A,B,C,D,E,F
#
# COMPACT_ATOMS: atom_id res chain seq x y z
N GLY A 20 -25.61 26.91 21.40
CA GLY A 20 -25.29 25.88 20.42
C GLY A 20 -26.21 25.87 19.22
N SER A 21 -26.14 26.91 18.40
CA SER A 21 -26.93 26.99 17.18
C SER A 21 -26.21 26.27 16.03
N MET A 22 -26.97 25.95 14.98
CA MET A 22 -26.44 25.36 13.76
C MET A 22 -25.59 24.11 14.02
N PRO A 23 -26.07 23.18 14.82
CA PRO A 23 -25.19 22.08 15.21
C PRO A 23 -24.99 21.08 14.07
N ALA A 24 -23.78 20.53 14.02
CA ALA A 24 -23.42 19.48 13.07
C ALA A 24 -22.75 18.37 13.85
N LEU A 25 -23.25 17.14 13.68
CA LEU A 25 -22.72 15.95 14.33
C LEU A 25 -22.14 15.06 13.23
N VAL A 26 -20.83 14.83 13.30
CA VAL A 26 -20.12 14.01 12.31
C VAL A 26 -19.70 12.72 13.00
N ILE A 27 -20.13 11.57 12.44
CA ILE A 27 -19.99 10.28 13.08
C ILE A 27 -19.23 9.31 12.17
N LYS A 28 -18.30 8.58 12.77
CA LYS A 28 -17.56 7.54 12.05
C LYS A 28 -17.61 6.29 12.93
N THR A 29 -17.87 5.12 12.32
CA THR A 29 -17.90 3.87 13.08
C THR A 29 -17.36 2.76 12.19
N ASN A 30 -16.78 1.73 12.80
CA ASN A 30 -16.38 0.54 12.08
C ASN A 30 -17.53 -0.48 11.99
N ALA A 31 -18.65 -0.22 12.64
CA ALA A 31 -19.82 -1.10 12.42
C ALA A 31 -20.26 -0.91 10.97
N LYS A 32 -20.93 -1.92 10.42
CA LYS A 32 -21.48 -1.83 9.08
C LYS A 32 -23.00 -1.80 9.21
N PHE A 33 -23.61 -0.76 8.69
CA PHE A 33 -25.04 -0.53 8.74
C PHE A 33 -25.62 -0.72 7.34
N THR A 34 -26.87 -1.16 7.26
CA THR A 34 -27.60 -1.09 6.01
C THR A 34 -27.92 0.38 5.72
N GLU A 35 -28.34 0.65 4.48
CA GLU A 35 -28.77 2.01 4.13
C GLU A 35 -29.95 2.45 4.96
N GLU A 36 -30.89 1.53 5.23
CA GLU A 36 -32.04 1.88 6.03
C GLU A 36 -31.66 2.12 7.49
N GLU A 37 -30.72 1.35 8.01
CA GLU A 37 -30.25 1.58 9.38
C GLU A 37 -29.59 2.95 9.50
N LYS A 38 -28.83 3.36 8.49
CA LYS A 38 -28.21 4.69 8.53
C LYS A 38 -29.27 5.79 8.45
N SER A 39 -30.27 5.63 7.60
CA SER A 39 -31.31 6.64 7.49
C SER A 39 -32.00 6.84 8.83
N LYS A 40 -32.30 5.73 9.54
CA LYS A 40 -32.96 5.84 10.84
C LYS A 40 -32.01 6.46 11.86
N ALA A 41 -30.71 6.09 11.77
CA ALA A 41 -29.74 6.58 12.74
C ALA A 41 -29.58 8.10 12.63
N THR A 42 -29.49 8.62 11.42
CA THR A 42 -29.31 10.06 11.28
C THR A 42 -30.54 10.82 11.77
N GLU A 43 -31.73 10.24 11.57
CA GLU A 43 -32.93 10.88 12.11
C GLU A 43 -32.87 10.87 13.63
N GLU A 44 -32.59 9.70 14.23
CA GLU A 44 -32.69 9.58 15.68
C GLU A 44 -31.58 10.35 16.37
N LEU A 45 -30.38 10.31 15.81
CA LEU A 45 -29.28 11.05 16.42
C LEU A 45 -29.50 12.55 16.25
N GLY A 46 -29.99 12.97 15.10
CA GLY A 46 -30.33 14.38 14.91
C GLY A 46 -31.40 14.85 15.88
N ASN A 47 -32.42 14.03 16.11
CA ASN A 47 -33.47 14.40 17.08
C ASN A 47 -32.88 14.52 18.47
N ILE A 48 -31.94 13.64 18.82
CA ILE A 48 -31.28 13.73 20.12
C ILE A 48 -30.53 15.05 20.23
N VAL A 49 -29.79 15.41 19.19
CA VAL A 49 -29.07 16.69 19.22
C VAL A 49 -30.04 17.84 19.41
N SER A 50 -31.14 17.83 18.65
CA SER A 50 -32.15 18.89 18.74
C SER A 50 -32.66 19.02 20.16
N LYS A 51 -32.94 17.89 20.80
CA LYS A 51 -33.53 17.88 22.14
C LYS A 51 -32.54 18.38 23.19
N VAL A 52 -31.31 17.87 23.17
CA VAL A 52 -30.38 18.20 24.25
C VAL A 52 -29.83 19.61 24.10
N LEU A 53 -29.63 20.09 22.86
CA LEU A 53 -29.16 21.45 22.67
C LEU A 53 -30.29 22.48 22.66
N GLY A 54 -31.54 22.03 22.68
CA GLY A 54 -32.67 22.94 22.64
C GLY A 54 -32.78 23.74 21.37
N LYS A 55 -32.32 23.19 20.23
CA LYS A 55 -32.35 23.84 18.93
C LYS A 55 -33.32 23.14 17.99
N PRO A 56 -34.00 23.88 17.10
CA PRO A 56 -34.93 23.24 16.17
C PRO A 56 -34.21 22.29 15.21
N ILE A 57 -34.90 21.23 14.82
CA ILE A 57 -34.31 20.24 13.91
C ILE A 57 -33.96 20.84 12.55
N SER A 58 -34.57 21.97 12.17
CA SER A 58 -34.32 22.49 10.82
C SER A 58 -32.86 22.92 10.62
N TYR A 59 -32.09 23.18 11.68
CA TYR A 59 -30.69 23.56 11.56
C TYR A 59 -29.70 22.46 11.88
N VAL A 60 -30.19 21.26 12.22
CA VAL A 60 -29.33 20.18 12.65
C VAL A 60 -28.84 19.39 11.46
N MET A 61 -27.54 19.20 11.38
CA MET A 61 -26.82 18.45 10.37
C MET A 61 -26.22 17.21 11.00
N VAL A 62 -26.41 16.04 10.36
CA VAL A 62 -25.83 14.77 10.83
C VAL A 62 -25.16 14.08 9.66
N THR A 63 -23.92 13.64 9.83
CA THR A 63 -23.27 12.81 8.81
C THR A 63 -22.81 11.53 9.48
N LEU A 64 -22.99 10.40 8.81
CA LEU A 64 -22.69 9.10 9.39
C LEU A 64 -21.94 8.27 8.37
N GLU A 65 -20.70 7.92 8.71
CA GLU A 65 -19.85 7.08 7.86
C GLU A 65 -19.61 5.78 8.60
N ASP A 66 -20.01 4.68 7.98
CA ASP A 66 -19.85 3.35 8.58
C ASP A 66 -18.78 2.59 7.81
N GLY A 67 -18.43 1.42 8.29
CA GLY A 67 -17.40 0.64 7.63
C GLY A 67 -16.02 1.27 7.68
N VAL A 68 -15.81 2.23 8.58
CA VAL A 68 -14.53 2.91 8.68
C VAL A 68 -13.59 2.01 9.46
N ALA A 69 -12.31 2.02 9.16
CA ALA A 69 -11.38 1.25 10.01
C ALA A 69 -11.11 2.06 11.26
N VAL A 70 -11.41 1.50 12.42
CA VAL A 70 -11.26 2.21 13.68
C VAL A 70 -10.45 1.35 14.63
N ARG A 71 -9.53 1.98 15.34
CA ARG A 71 -8.87 1.33 16.47
C ARG A 71 -8.91 2.32 17.62
N PHE A 72 -9.36 1.85 18.78
CA PHE A 72 -9.57 2.68 19.95
C PHE A 72 -9.06 1.89 21.14
N GLY A 73 -8.13 2.48 21.88
CA GLY A 73 -7.51 1.76 22.97
C GLY A 73 -6.76 0.53 22.50
N GLY A 74 -6.29 0.53 21.24
CA GLY A 74 -5.60 -0.62 20.68
C GLY A 74 -6.49 -1.71 20.13
N SER A 75 -7.81 -1.61 20.30
CA SER A 75 -8.73 -2.66 19.89
C SER A 75 -9.53 -2.18 18.69
N ASP A 76 -9.77 -3.08 17.74
CA ASP A 76 -10.66 -2.75 16.63
C ASP A 76 -12.07 -3.35 16.80
N GLU A 77 -12.46 -3.65 18.02
CA GLU A 77 -13.85 -3.96 18.31
C GLU A 77 -14.72 -2.77 17.97
N LYS A 78 -16.03 -3.03 17.87
CA LYS A 78 -16.99 -1.95 17.59
C LYS A 78 -16.70 -0.68 18.39
N ALA A 79 -16.66 0.46 17.70
CA ALA A 79 -16.39 1.73 18.32
C ALA A 79 -16.99 2.83 17.44
N ALA A 80 -17.13 4.01 18.02
CA ALA A 80 -17.61 5.14 17.23
C ALA A 80 -16.87 6.39 17.65
N PHE A 81 -16.57 7.21 16.65
CA PHE A 81 -15.97 8.54 16.82
C PHE A 81 -17.00 9.56 16.35
N MET A 82 -17.23 10.59 17.17
CA MET A 82 -18.17 11.67 16.89
C MET A 82 -17.59 13.03 17.22
N SER A 83 -17.81 13.99 16.35
CA SER A 83 -17.53 15.39 16.66
C SER A 83 -18.83 16.19 16.59
N LEU A 84 -19.15 16.91 17.67
CA LEU A 84 -20.33 17.76 17.71
C LEU A 84 -19.88 19.21 17.62
N MET A 85 -20.22 19.87 16.52
CA MET A 85 -19.86 21.26 16.26
C MET A 85 -21.10 22.13 16.37
N SER A 86 -20.92 23.38 16.78
CA SER A 86 -22.05 24.29 16.91
C SER A 86 -21.52 25.71 17.02
N ILE A 87 -22.41 26.68 16.78
CA ILE A 87 -22.11 28.08 17.05
C ILE A 87 -22.18 28.29 18.55
N GLY A 88 -21.05 28.64 19.16
CA GLY A 88 -20.99 28.83 20.60
C GLY A 88 -21.19 27.53 21.39
N ASN A 91 -20.51 24.44 27.08
CA ASN A 91 -21.18 24.54 28.37
C ASN A 91 -21.04 23.22 29.13
N ARG A 92 -20.44 23.27 30.32
CA ARG A 92 -20.17 22.07 31.09
C ARG A 92 -21.42 21.20 31.20
N ALA A 93 -22.54 21.81 31.59
CA ALA A 93 -23.77 21.03 31.81
C ALA A 93 -24.30 20.44 30.52
N VAL A 94 -24.45 21.28 29.49
CA VAL A 94 -25.03 20.79 28.24
C VAL A 94 -24.15 19.72 27.62
N ASN A 95 -22.83 19.86 27.73
CA ASN A 95 -21.94 18.85 27.17
C ASN A 95 -22.17 17.48 27.82
N LYS A 96 -22.37 17.46 29.14
CA LYS A 96 -22.61 16.20 29.84
C LYS A 96 -23.91 15.54 29.39
N ARG A 97 -24.99 16.32 29.27
CA ARG A 97 -26.26 15.75 28.82
C ARG A 97 -26.17 15.27 27.38
N ALA A 98 -25.46 16.03 26.52
CA ALA A 98 -25.29 15.62 25.13
C ALA A 98 -24.47 14.34 25.01
N SER A 99 -23.36 14.26 25.77
CA SER A 99 -22.54 13.05 25.77
C SER A 99 -23.37 11.83 26.17
N ALA A 100 -24.15 11.96 27.22
CA ALA A 100 -24.91 10.84 27.74
C ALA A 100 -25.95 10.37 26.74
N ALA A 101 -26.69 11.32 26.16
CA ALA A 101 -27.77 10.97 25.25
C ALA A 101 -27.24 10.37 23.96
N LEU A 102 -26.18 10.96 23.40
CA LEU A 102 -25.61 10.39 22.19
C LEU A 102 -25.00 9.01 22.47
N THR A 103 -24.29 8.87 23.60
CA THR A 103 -23.72 7.59 23.96
C THR A 103 -24.81 6.55 24.15
N LYS A 104 -25.96 6.96 24.71
CA LYS A 104 -27.04 6.00 24.91
C LYS A 104 -27.59 5.47 23.60
N TRP A 105 -27.63 6.28 22.55
CA TRP A 105 -28.09 5.73 21.26
C TRP A 105 -27.20 4.54 20.85
N PHE A 106 -25.89 4.68 21.01
CA PHE A 106 -24.98 3.61 20.63
C PHE A 106 -25.06 2.43 21.58
N THR A 107 -25.15 2.67 22.89
CA THR A 107 -25.25 1.51 23.78
C THR A 107 -26.57 0.80 23.60
N ASP A 108 -27.62 1.54 23.22
CA ASP A 108 -28.88 0.87 22.93
C ASP A 108 -28.76 -0.03 21.70
N HIS A 109 -27.77 0.22 20.84
CA HIS A 109 -27.52 -0.58 19.64
C HIS A 109 -26.28 -1.48 19.79
N GLY A 110 -25.91 -1.81 21.01
CA GLY A 110 -24.96 -2.87 21.25
C GLY A 110 -23.52 -2.45 21.40
N PHE A 111 -23.22 -1.16 21.32
CA PHE A 111 -21.84 -0.71 21.51
C PHE A 111 -21.55 -0.63 23.00
N GLN A 112 -20.30 -0.90 23.37
CA GLN A 112 -19.85 -0.59 24.72
C GLN A 112 -19.69 0.91 24.86
N GLY A 113 -20.20 1.48 25.96
CA GLY A 113 -20.17 2.91 26.15
C GLY A 113 -18.78 3.50 26.17
N ASP A 114 -17.80 2.76 26.72
CA ASP A 114 -16.45 3.29 26.76
C ASP A 114 -15.73 3.16 25.41
N ARG A 115 -16.42 2.73 24.36
CA ARG A 115 -15.84 2.76 23.02
C ARG A 115 -16.54 3.79 22.15
N ILE A 116 -17.20 4.76 22.78
CA ILE A 116 -17.87 5.87 22.12
C ILE A 116 -17.07 7.11 22.50
N TYR A 117 -16.41 7.71 21.51
CA TYR A 117 -15.50 8.86 21.68
C TYR A 117 -16.25 10.06 21.13
N ILE A 118 -16.51 11.06 21.96
CA ILE A 118 -17.25 12.26 21.55
C ILE A 118 -16.39 13.48 21.83
N VAL A 119 -16.13 14.28 20.80
CA VAL A 119 -15.42 15.54 20.93
C VAL A 119 -16.34 16.70 20.57
N PHE A 120 -16.19 17.82 21.29
CA PHE A 120 -17.00 19.01 21.07
C PHE A 120 -16.13 20.12 20.48
N ASN A 121 -16.62 20.73 19.39
CA ASN A 121 -15.91 21.79 18.67
C ASN A 121 -16.84 22.98 18.49
N PRO A 122 -16.90 23.89 19.45
CA PRO A 122 -17.72 25.11 19.27
C PRO A 122 -17.01 26.14 18.41
N LYS A 123 -17.81 26.96 17.71
CA LYS A 123 -17.28 27.91 16.74
C LYS A 123 -17.96 29.27 16.90
N SER A 124 -17.27 30.33 16.48
CA SER A 124 -17.89 31.64 16.47
C SER A 124 -18.75 31.81 15.21
N ALA A 125 -19.71 32.72 15.30
CA ALA A 125 -20.64 32.91 14.19
C ALA A 125 -19.89 33.22 12.89
N GLU A 126 -18.79 33.95 12.98
CA GLU A 126 -18.05 34.31 11.77
C GLU A 126 -17.27 33.13 11.18
N ASP A 127 -17.24 31.98 11.87
CA ASP A 127 -16.58 30.77 11.39
C ASP A 127 -17.59 29.70 10.96
N TRP A 128 -18.82 30.10 10.67
CA TRP A 128 -19.84 29.17 10.22
C TRP A 128 -20.49 29.71 8.96
N GLY A 129 -20.36 28.96 7.86
CA GLY A 129 -20.97 29.33 6.60
C GLY A 129 -22.28 28.58 6.38
N PHE A 130 -23.30 29.32 5.96
CA PHE A 130 -24.59 28.72 5.66
C PHE A 130 -25.31 29.62 4.66
N ASN A 131 -25.99 28.99 3.71
CA ASN A 131 -26.76 29.72 2.68
C ASN A 131 -25.88 30.72 1.92
N GLY A 132 -24.57 30.46 1.89
CA GLY A 132 -23.65 31.29 1.15
C GLY A 132 -23.07 32.47 1.89
N ASP A 133 -23.32 32.55 3.20
CA ASP A 133 -22.93 33.69 4.02
C ASP A 133 -22.47 33.17 5.37
N THR A 134 -22.16 34.08 6.29
CA THR A 134 -21.89 33.76 7.69
C THR A 134 -22.72 34.68 8.57
N PHE A 135 -22.96 34.24 9.80
CA PHE A 135 -23.80 34.97 10.75
C PHE A 135 -23.01 36.00 11.55
N ALA A 136 -22.10 36.72 10.92
CA ALA A 136 -21.31 37.72 11.63
C ALA A 136 -21.35 39.06 10.90
N SER B 21 1.40 26.16 5.73
CA SER B 21 0.66 27.32 5.23
C SER B 21 -0.33 26.92 4.14
N MET B 22 -0.64 25.64 4.06
CA MET B 22 -1.50 25.15 3.02
C MET B 22 -2.87 24.77 3.56
N PRO B 23 -3.93 25.29 2.96
CA PRO B 23 -5.28 25.00 3.46
C PRO B 23 -5.74 23.60 3.10
N ALA B 24 -6.73 23.12 3.85
CA ALA B 24 -7.36 21.84 3.58
C ALA B 24 -8.86 22.01 3.58
N LEU B 25 -9.51 21.47 2.57
CA LEU B 25 -10.98 21.47 2.41
C LEU B 25 -11.45 20.02 2.45
N VAL B 26 -12.25 19.66 3.44
CA VAL B 26 -12.79 18.31 3.60
C VAL B 26 -14.28 18.38 3.26
N ILE B 27 -14.72 17.57 2.31
CA ILE B 27 -16.09 17.65 1.77
C ILE B 27 -16.75 16.29 1.99
N LYS B 28 -17.98 16.32 2.51
CA LYS B 28 -18.84 15.13 2.65
C LYS B 28 -20.22 15.45 2.05
N THR B 29 -20.75 14.53 1.27
CA THR B 29 -22.09 14.72 0.70
C THR B 29 -22.78 13.37 0.58
N ASN B 30 -24.10 13.41 0.62
CA ASN B 30 -24.88 12.21 0.32
C ASN B 30 -25.14 12.06 -1.17
N ALA B 31 -24.78 13.04 -1.96
CA ALA B 31 -24.83 12.86 -3.42
C ALA B 31 -23.84 11.78 -3.81
N LYS B 32 -24.10 11.12 -4.92
CA LYS B 32 -23.20 10.11 -5.46
C LYS B 32 -22.62 10.68 -6.75
N PHE B 33 -21.29 10.76 -6.84
CA PHE B 33 -20.59 11.33 -7.98
C PHE B 33 -19.90 10.23 -8.78
N THR B 34 -19.82 10.41 -10.10
CA THR B 34 -18.95 9.60 -10.93
C THR B 34 -17.48 9.98 -10.66
N GLU B 35 -16.56 9.16 -11.19
CA GLU B 35 -15.14 9.48 -11.01
C GLU B 35 -14.80 10.82 -11.65
N GLU B 36 -15.36 11.09 -12.84
CA GLU B 36 -15.05 12.35 -13.51
C GLU B 36 -15.65 13.52 -12.74
N GLU B 37 -16.85 13.34 -12.19
CA GLU B 37 -17.44 14.39 -11.35
C GLU B 37 -16.58 14.67 -10.12
N LYS B 38 -16.05 13.63 -9.50
CA LYS B 38 -15.16 13.82 -8.35
C LYS B 38 -13.88 14.55 -8.74
N SER B 39 -13.27 14.12 -9.85
CA SER B 39 -12.05 14.75 -10.33
C SER B 39 -12.27 16.22 -10.58
N LYS B 40 -13.36 16.57 -11.26
CA LYS B 40 -13.64 17.97 -11.56
C LYS B 40 -13.94 18.74 -10.29
N ALA B 41 -14.65 18.12 -9.33
CA ALA B 41 -15.01 18.83 -8.12
C ALA B 41 -13.79 19.18 -7.27
N THR B 42 -12.87 18.24 -7.08
CA THR B 42 -11.71 18.55 -6.25
C THR B 42 -10.82 19.60 -6.93
N GLU B 43 -10.73 19.57 -8.27
CA GLU B 43 -9.98 20.62 -8.97
C GLU B 43 -10.65 21.98 -8.82
N GLU B 44 -11.94 22.05 -9.11
CA GLU B 44 -12.63 23.34 -9.12
C GLU B 44 -12.79 23.92 -7.71
N LEU B 45 -13.13 23.10 -6.74
CA LEU B 45 -13.29 23.60 -5.37
C LEU B 45 -11.93 23.96 -4.79
N GLY B 46 -10.89 23.17 -5.10
CA GLY B 46 -9.54 23.52 -4.67
C GLY B 46 -9.10 24.87 -5.26
N ASN B 47 -9.43 25.11 -6.52
CA ASN B 47 -9.04 26.38 -7.13
C ASN B 47 -9.83 27.53 -6.52
N ILE B 48 -11.10 27.30 -6.16
CA ILE B 48 -11.87 28.32 -5.46
C ILE B 48 -11.18 28.70 -4.15
N VAL B 49 -10.76 27.69 -3.37
CA VAL B 49 -10.09 27.94 -2.09
C VAL B 49 -8.80 28.73 -2.30
N SER B 50 -7.97 28.30 -3.26
CA SER B 50 -6.72 29.00 -3.53
C SER B 50 -6.98 30.45 -3.86
N LYS B 51 -7.97 30.71 -4.72
CA LYS B 51 -8.22 32.07 -5.15
C LYS B 51 -8.72 32.91 -3.99
N VAL B 52 -9.69 32.40 -3.22
CA VAL B 52 -10.29 33.22 -2.19
C VAL B 52 -9.33 33.47 -1.04
N LEU B 53 -8.48 32.50 -0.73
CA LEU B 53 -7.50 32.64 0.34
C LEU B 53 -6.19 33.31 -0.09
N GLY B 54 -6.02 33.66 -1.37
CA GLY B 54 -4.78 34.29 -1.81
C GLY B 54 -3.59 33.35 -1.76
N LYS B 55 -3.82 32.07 -2.07
CA LYS B 55 -2.81 31.03 -2.10
C LYS B 55 -2.56 30.63 -3.56
N PRO B 56 -1.40 30.03 -3.85
CA PRO B 56 -1.12 29.61 -5.22
C PRO B 56 -2.12 28.59 -5.72
N ILE B 57 -2.38 28.62 -7.03
CA ILE B 57 -3.24 27.59 -7.60
C ILE B 57 -2.60 26.24 -7.30
N SER B 58 -3.42 25.29 -6.91
CA SER B 58 -3.04 23.92 -6.59
C SER B 58 -2.44 23.77 -5.18
N TYR B 59 -2.27 24.85 -4.42
CA TYR B 59 -1.63 24.79 -3.12
C TYR B 59 -2.70 24.56 -2.06
N VAL B 60 -3.24 23.35 -2.08
CA VAL B 60 -4.42 23.07 -1.28
C VAL B 60 -4.58 21.56 -1.21
N MET B 61 -5.07 21.08 -0.08
CA MET B 61 -5.45 19.67 0.08
C MET B 61 -6.96 19.64 0.09
N VAL B 62 -7.54 18.81 -0.77
CA VAL B 62 -8.98 18.64 -0.88
C VAL B 62 -9.30 17.16 -0.76
N THR B 63 -10.26 16.83 0.11
CA THR B 63 -10.81 15.48 0.18
C THR B 63 -12.32 15.51 -0.02
N LEU B 64 -12.84 14.52 -0.75
CA LEU B 64 -14.25 14.48 -1.11
C LEU B 64 -14.76 13.07 -0.89
N GLU B 65 -15.74 12.95 0.00
CA GLU B 65 -16.38 11.66 0.30
C GLU B 65 -17.84 11.81 -0.10
N ASP B 66 -18.28 10.99 -1.03
CA ASP B 66 -19.66 11.01 -1.51
C ASP B 66 -20.37 9.77 -1.00
N GLY B 67 -21.65 9.70 -1.24
CA GLY B 67 -22.43 8.56 -0.78
C GLY B 67 -22.50 8.43 0.71
N VAL B 68 -22.21 9.50 1.44
CA VAL B 68 -22.24 9.48 2.89
C VAL B 68 -23.69 9.64 3.34
N ALA B 69 -24.07 8.98 4.43
CA ALA B 69 -25.41 9.20 4.98
C ALA B 69 -25.44 10.58 5.61
N VAL B 70 -26.32 11.45 5.12
CA VAL B 70 -26.42 12.81 5.59
C VAL B 70 -27.88 13.14 5.85
N ARG B 71 -28.15 13.81 6.98
CA ARG B 71 -29.45 14.39 7.20
C ARG B 71 -29.28 15.83 7.66
N PHE B 72 -30.09 16.73 7.10
CA PHE B 72 -29.97 18.15 7.37
C PHE B 72 -31.38 18.73 7.41
N GLY B 73 -31.71 19.40 8.52
CA GLY B 73 -33.08 19.88 8.68
C GLY B 73 -34.08 18.75 8.73
N GLY B 74 -33.64 17.56 9.16
CA GLY B 74 -34.50 16.39 9.23
C GLY B 74 -34.68 15.66 7.91
N SER B 75 -34.15 16.21 6.82
CA SER B 75 -34.36 15.69 5.48
C SER B 75 -33.09 15.04 4.98
N ASP B 76 -33.25 13.94 4.23
CA ASP B 76 -32.09 13.30 3.60
C ASP B 76 -31.94 13.73 2.14
N GLU B 77 -32.58 14.84 1.76
CA GLU B 77 -32.27 15.43 0.46
C GLU B 77 -30.79 15.77 0.38
N LYS B 78 -30.32 15.83 -0.86
CA LYS B 78 -28.94 16.20 -1.18
C LYS B 78 -28.46 17.36 -0.32
N ALA B 79 -27.28 17.18 0.28
CA ALA B 79 -26.70 18.18 1.14
C ALA B 79 -25.17 17.98 1.13
N ALA B 80 -24.46 18.97 1.65
CA ALA B 80 -23.00 18.89 1.73
C ALA B 80 -22.50 19.57 2.99
N PHE B 81 -21.49 18.95 3.61
CA PHE B 81 -20.80 19.44 4.79
C PHE B 81 -19.35 19.66 4.36
N MET B 82 -18.78 20.82 4.71
CA MET B 82 -17.40 21.15 4.37
C MET B 82 -16.71 21.71 5.60
N SER B 83 -15.47 21.28 5.82
CA SER B 83 -14.59 21.90 6.81
C SER B 83 -13.42 22.53 6.03
N LEU B 84 -13.17 23.83 6.22
CA LEU B 84 -12.05 24.52 5.60
C LEU B 84 -11.06 24.89 6.71
N MET B 85 -9.88 24.28 6.69
CA MET B 85 -8.82 24.49 7.69
C MET B 85 -7.75 25.35 7.04
N SER B 86 -7.45 26.51 7.62
CA SER B 86 -6.35 27.35 7.18
C SER B 86 -5.65 27.97 8.38
N ILE B 87 -4.32 27.91 8.39
CA ILE B 87 -3.54 28.47 9.49
C ILE B 87 -3.38 29.98 9.32
N LEU B 90 -7.66 33.03 7.34
CA LEU B 90 -9.11 33.19 7.54
C LEU B 90 -9.42 34.36 8.46
N ASN B 91 -10.60 34.96 8.25
CA ASN B 91 -11.07 36.12 8.99
C ASN B 91 -12.51 36.35 8.56
N ARG B 92 -13.22 37.16 9.32
CA ARG B 92 -14.64 37.36 9.08
C ARG B 92 -14.93 37.63 7.60
N ALA B 93 -14.16 38.56 7.00
CA ALA B 93 -14.40 38.94 5.61
C ALA B 93 -14.11 37.80 4.64
N VAL B 94 -12.94 37.17 4.78
CA VAL B 94 -12.57 36.08 3.87
C VAL B 94 -13.55 34.92 4.01
N ASN B 95 -14.01 34.66 5.22
CA ASN B 95 -14.95 33.56 5.42
C ASN B 95 -16.23 33.77 4.63
N LYS B 96 -16.72 35.00 4.58
CA LYS B 96 -17.91 35.26 3.82
C LYS B 96 -17.67 35.04 2.33
N ARG B 97 -16.54 35.52 1.81
CA ARG B 97 -16.25 35.34 0.39
C ARG B 97 -16.10 33.86 0.07
N ALA B 98 -15.45 33.11 0.99
CA ALA B 98 -15.26 31.67 0.80
C ALA B 98 -16.60 30.95 0.82
N SER B 99 -17.46 31.29 1.80
CA SER B 99 -18.77 30.65 1.87
C SER B 99 -19.54 30.88 0.57
N ALA B 100 -19.53 32.11 0.07
CA ALA B 100 -20.29 32.41 -1.15
C ALA B 100 -19.73 31.67 -2.35
N ALA B 101 -18.41 31.66 -2.51
CA ALA B 101 -17.79 31.04 -3.68
C ALA B 101 -17.92 29.51 -3.67
N LEU B 102 -17.70 28.88 -2.52
CA LEU B 102 -17.90 27.44 -2.44
C LEU B 102 -19.36 27.07 -2.61
N THR B 103 -20.27 27.80 -1.97
CA THR B 103 -21.69 27.52 -2.10
C THR B 103 -22.15 27.68 -3.55
N LYS B 104 -21.63 28.70 -4.25
CA LYS B 104 -21.97 28.88 -5.66
C LYS B 104 -21.58 27.64 -6.49
N TRP B 105 -20.44 27.02 -6.19
CA TRP B 105 -20.09 25.82 -6.93
C TRP B 105 -21.19 24.77 -6.76
N PHE B 106 -21.66 24.59 -5.53
CA PHE B 106 -22.68 23.58 -5.28
C PHE B 106 -24.03 23.96 -5.88
N THR B 107 -24.43 25.22 -5.77
CA THR B 107 -25.73 25.57 -6.35
C THR B 107 -25.69 25.48 -7.88
N ASP B 108 -24.51 25.72 -8.49
CA ASP B 108 -24.36 25.54 -9.93
C ASP B 108 -24.44 24.08 -10.33
N HIS B 109 -24.19 23.16 -9.41
CA HIS B 109 -24.24 21.74 -9.66
C HIS B 109 -25.44 21.08 -9.00
N GLY B 110 -26.52 21.83 -8.82
CA GLY B 110 -27.81 21.26 -8.51
C GLY B 110 -28.15 21.14 -7.02
N PHE B 111 -27.29 21.59 -6.14
CA PHE B 111 -27.58 21.56 -4.70
C PHE B 111 -28.39 22.79 -4.29
N GLN B 112 -29.20 22.62 -3.25
CA GLN B 112 -29.87 23.76 -2.64
C GLN B 112 -28.88 24.56 -1.82
N GLY B 113 -28.91 25.88 -1.98
CA GLY B 113 -27.95 26.73 -1.30
C GLY B 113 -28.05 26.64 0.21
N ASP B 114 -29.26 26.44 0.73
CA ASP B 114 -29.49 26.32 2.18
C ASP B 114 -29.26 24.91 2.72
N ARG B 115 -28.68 24.00 1.93
CA ARG B 115 -28.33 22.67 2.43
C ARG B 115 -26.82 22.47 2.38
N ILE B 116 -26.06 23.57 2.41
CA ILE B 116 -24.60 23.58 2.36
C ILE B 116 -24.09 24.18 3.67
N TYR B 117 -23.44 23.35 4.50
CA TYR B 117 -22.86 23.82 5.76
C TYR B 117 -21.35 23.86 5.58
N ILE B 118 -20.74 24.98 5.91
CA ILE B 118 -19.29 25.16 5.85
C ILE B 118 -18.81 25.61 7.22
N VAL B 119 -17.88 24.87 7.80
CA VAL B 119 -17.29 25.21 9.09
C VAL B 119 -15.85 25.63 8.82
N PHE B 120 -15.43 26.73 9.41
CA PHE B 120 -14.10 27.30 9.22
C PHE B 120 -13.26 27.05 10.46
N ASN B 121 -12.03 26.61 10.27
CA ASN B 121 -11.11 26.30 11.36
C ASN B 121 -9.78 27.05 11.27
N SER C 21 -7.60 15.04 26.18
CA SER C 21 -6.73 14.12 26.89
C SER C 21 -6.75 12.72 26.27
N MET C 22 -7.73 12.47 25.40
CA MET C 22 -7.75 11.28 24.54
C MET C 22 -7.49 11.71 23.11
N PRO C 23 -6.29 11.46 22.56
CA PRO C 23 -5.98 11.95 21.21
C PRO C 23 -6.69 11.12 20.15
N ALA C 24 -6.98 11.78 19.02
CA ALA C 24 -7.57 11.12 17.89
C ALA C 24 -6.80 11.45 16.62
N LEU C 25 -6.48 10.42 15.85
CA LEU C 25 -5.82 10.56 14.55
C LEU C 25 -6.79 10.11 13.48
N VAL C 26 -7.17 11.04 12.60
CA VAL C 26 -8.14 10.78 11.54
C VAL C 26 -7.38 10.81 10.23
N ILE C 27 -7.45 9.72 9.49
CA ILE C 27 -6.62 9.51 8.29
C ILE C 27 -7.56 9.32 7.10
N LYS C 28 -7.24 9.98 6.00
CA LYS C 28 -7.96 9.79 4.74
C LYS C 28 -6.92 9.56 3.65
N THR C 29 -7.15 8.56 2.79
CA THR C 29 -6.23 8.36 1.65
C THR C 29 -7.01 7.95 0.42
N ASN C 30 -6.45 8.23 -0.76
CA ASN C 30 -7.03 7.74 -1.99
C ASN C 30 -6.50 6.38 -2.38
N ALA C 31 -5.51 5.86 -1.64
CA ALA C 31 -5.08 4.49 -1.80
C ALA C 31 -6.23 3.57 -1.39
N LYS C 32 -6.22 2.35 -1.88
CA LYS C 32 -7.20 1.33 -1.49
C LYS C 32 -6.47 0.25 -0.70
N PHE C 33 -6.93 0.01 0.53
CA PHE C 33 -6.32 -0.97 1.42
C PHE C 33 -7.27 -2.16 1.63
N THR C 34 -6.69 -3.34 1.79
CA THR C 34 -7.48 -4.45 2.25
C THR C 34 -7.81 -4.26 3.74
N GLU C 35 -8.71 -5.11 4.24
CA GLU C 35 -8.99 -5.08 5.66
C GLU C 35 -7.75 -5.37 6.49
N GLU C 36 -6.90 -6.29 6.03
CA GLU C 36 -5.70 -6.60 6.79
C GLU C 36 -4.73 -5.44 6.75
N GLU C 37 -4.61 -4.77 5.61
CA GLU C 37 -3.74 -3.61 5.53
C GLU C 37 -4.23 -2.49 6.44
N LYS C 38 -5.55 -2.27 6.49
CA LYS C 38 -6.10 -1.25 7.40
C LYS C 38 -5.84 -1.60 8.86
N SER C 39 -6.03 -2.87 9.23
CA SER C 39 -5.84 -3.28 10.61
C SER C 39 -4.41 -3.01 11.06
N LYS C 40 -3.43 -3.34 10.22
CA LYS C 40 -2.03 -3.10 10.56
C LYS C 40 -1.73 -1.62 10.64
N ALA C 41 -2.33 -0.82 9.77
CA ALA C 41 -2.08 0.61 9.75
C ALA C 41 -2.60 1.28 11.02
N THR C 42 -3.84 0.96 11.42
CA THR C 42 -4.36 1.63 12.62
C THR C 42 -3.56 1.23 13.86
N GLU C 43 -3.08 -0.01 13.89
CA GLU C 43 -2.24 -0.43 15.02
C GLU C 43 -0.93 0.34 15.05
N GLU C 44 -0.20 0.35 13.93
CA GLU C 44 1.13 0.96 13.93
C GLU C 44 1.03 2.47 14.05
N LEU C 45 0.05 3.11 13.40
CA LEU C 45 -0.08 4.56 13.52
C LEU C 45 -0.55 4.95 14.91
N GLY C 46 -1.48 4.20 15.48
CA GLY C 46 -1.88 4.46 16.86
C GLY C 46 -0.72 4.33 17.83
N ASN C 47 0.15 3.34 17.62
CA ASN C 47 1.30 3.19 18.50
C ASN C 47 2.24 4.39 18.37
N ILE C 48 2.34 4.97 17.17
CA ILE C 48 3.14 6.17 16.98
C ILE C 48 2.54 7.35 17.75
N VAL C 49 1.22 7.51 17.66
CA VAL C 49 0.58 8.59 18.42
C VAL C 49 0.84 8.42 19.91
N SER C 50 0.68 7.19 20.43
CA SER C 50 0.91 6.96 21.85
C SER C 50 2.29 7.46 22.24
N LYS C 51 3.28 7.10 21.42
CA LYS C 51 4.66 7.40 21.75
C LYS C 51 4.92 8.88 21.70
N VAL C 52 4.53 9.54 20.60
CA VAL C 52 4.94 10.92 20.41
C VAL C 52 4.14 11.85 21.31
N LEU C 53 2.88 11.52 21.61
CA LEU C 53 2.11 12.33 22.55
C LEU C 53 2.31 11.90 24.00
N GLY C 54 2.98 10.80 24.24
CA GLY C 54 3.17 10.36 25.62
C GLY C 54 1.88 9.96 26.31
N LYS C 55 0.96 9.35 25.57
CA LYS C 55 -0.29 8.88 26.14
C LYS C 55 -0.41 7.37 26.06
N PRO C 56 -1.00 6.70 27.09
CA PRO C 56 -1.19 5.25 27.00
C PRO C 56 -2.12 4.94 25.83
N ILE C 57 -1.89 3.78 25.18
CA ILE C 57 -2.68 3.40 24.01
C ILE C 57 -4.16 3.29 24.35
N SER C 58 -4.50 3.07 25.62
CA SER C 58 -5.91 2.98 26.00
C SER C 58 -6.68 4.29 25.73
N TYR C 59 -5.97 5.41 25.55
CA TYR C 59 -6.58 6.72 25.33
C TYR C 59 -6.58 7.13 23.87
N VAL C 60 -6.03 6.32 22.97
CA VAL C 60 -5.76 6.72 21.59
C VAL C 60 -6.82 6.17 20.66
N MET C 61 -7.39 7.06 19.84
CA MET C 61 -8.35 6.74 18.80
C MET C 61 -7.71 6.96 17.43
N VAL C 62 -7.88 6.00 16.54
CA VAL C 62 -7.43 6.09 15.15
C VAL C 62 -8.60 5.72 14.24
N THR C 63 -8.86 6.55 13.24
CA THR C 63 -9.81 6.21 12.18
C THR C 63 -9.11 6.34 10.83
N LEU C 64 -9.44 5.43 9.93
CA LEU C 64 -8.78 5.35 8.62
C LEU C 64 -9.81 5.11 7.53
N GLU C 65 -9.89 6.03 6.60
CA GLU C 65 -10.77 5.94 5.44
C GLU C 65 -9.94 5.89 4.17
N ASP C 66 -10.14 4.85 3.35
CA ASP C 66 -9.42 4.68 2.10
C ASP C 66 -10.42 4.91 0.96
N GLY C 67 -9.89 4.90 -0.25
CA GLY C 67 -10.74 5.13 -1.42
C GLY C 67 -11.36 6.50 -1.51
N VAL C 68 -10.81 7.49 -0.76
CA VAL C 68 -11.32 8.86 -0.74
C VAL C 68 -10.87 9.56 -2.00
N ALA C 69 -11.68 10.47 -2.55
CA ALA C 69 -11.19 11.31 -3.65
C ALA C 69 -10.33 12.38 -3.03
N VAL C 70 -9.08 12.46 -3.46
CA VAL C 70 -8.13 13.40 -2.91
C VAL C 70 -7.46 14.17 -4.05
N ARG C 71 -7.23 15.44 -3.82
CA ARG C 71 -6.38 16.24 -4.71
C ARG C 71 -5.46 17.06 -3.81
N PHE C 72 -4.17 17.00 -4.07
CA PHE C 72 -3.14 17.62 -3.23
C PHE C 72 -2.08 18.16 -4.18
N GLY C 73 -1.78 19.45 -4.08
CA GLY C 73 -0.90 20.05 -5.06
C GLY C 73 -1.40 19.98 -6.48
N GLY C 74 -2.73 19.96 -6.65
CA GLY C 74 -3.34 19.86 -7.95
C GLY C 74 -3.42 18.47 -8.51
N SER C 75 -2.82 17.49 -7.86
CA SER C 75 -2.71 16.15 -8.38
C SER C 75 -3.54 15.15 -7.58
N ASP C 76 -4.14 14.20 -8.28
CA ASP C 76 -4.84 13.12 -7.58
C ASP C 76 -3.97 11.87 -7.46
N GLU C 77 -2.65 12.01 -7.57
CA GLU C 77 -1.76 10.91 -7.24
C GLU C 77 -1.95 10.47 -5.79
N LYS C 78 -1.55 9.23 -5.51
CA LYS C 78 -1.57 8.67 -4.17
C LYS C 78 -1.12 9.70 -3.13
N ALA C 79 -1.95 9.89 -2.13
CA ALA C 79 -1.70 10.88 -1.09
C ALA C 79 -2.44 10.48 0.19
N ALA C 80 -2.07 11.12 1.31
CA ALA C 80 -2.74 10.85 2.58
C ALA C 80 -2.86 12.17 3.34
N PHE C 81 -4.05 12.37 3.93
CA PHE C 81 -4.40 13.49 4.81
C PHE C 81 -4.62 12.96 6.23
N MET C 82 -4.04 13.64 7.21
CA MET C 82 -4.17 13.26 8.62
C MET C 82 -4.49 14.50 9.45
N SER C 83 -5.42 14.34 10.37
CA SER C 83 -5.70 15.32 11.41
C SER C 83 -5.45 14.67 12.75
N LEU C 84 -4.58 15.27 13.54
CA LEU C 84 -4.28 14.80 14.87
C LEU C 84 -4.93 15.75 15.86
N MET C 85 -5.88 15.24 16.63
CA MET C 85 -6.63 16.01 17.60
C MET C 85 -6.14 15.65 18.98
N SER C 86 -5.55 16.62 19.68
CA SER C 86 -5.04 16.44 21.03
C SER C 86 -4.89 17.80 21.69
N ILE C 87 -5.36 17.92 22.93
CA ILE C 87 -5.26 19.16 23.68
C ILE C 87 -3.81 19.63 23.73
N GLY C 88 -3.42 20.49 22.80
CA GLY C 88 -2.06 21.00 22.73
C GLY C 88 -1.17 20.23 21.76
N ASN C 91 2.22 21.95 21.17
CA ASN C 91 3.44 22.74 21.10
C ASN C 91 4.31 22.35 19.91
N ARG C 92 5.04 23.34 19.40
CA ARG C 92 5.87 23.16 18.22
C ARG C 92 6.74 21.91 18.31
N ALA C 93 7.36 21.65 19.45
CA ALA C 93 8.30 20.54 19.56
C ALA C 93 7.60 19.20 19.37
N VAL C 94 6.53 18.95 20.12
CA VAL C 94 5.85 17.67 19.97
C VAL C 94 5.26 17.55 18.56
N ASN C 95 4.72 18.66 18.03
CA ASN C 95 4.13 18.62 16.69
C ASN C 95 5.18 18.24 15.65
N LYS C 96 6.40 18.75 15.78
CA LYS C 96 7.45 18.41 14.83
C LYS C 96 7.77 16.93 14.88
N ARG C 97 7.91 16.37 16.09
CA ARG C 97 8.21 14.95 16.21
C ARG C 97 7.04 14.11 15.69
N ALA C 98 5.81 14.53 15.98
CA ALA C 98 4.66 13.79 15.51
C ALA C 98 4.60 13.77 13.99
N SER C 99 4.78 14.92 13.36
CA SER C 99 4.80 14.97 11.90
C SER C 99 5.85 14.05 11.33
N ALA C 100 7.06 14.09 11.90
CA ALA C 100 8.15 13.29 11.37
C ALA C 100 7.85 11.80 11.50
N ALA C 101 7.41 11.38 12.69
CA ALA C 101 7.17 9.96 12.92
C ALA C 101 6.01 9.44 12.08
N LEU C 102 4.91 10.19 11.99
CA LEU C 102 3.79 9.75 11.16
C LEU C 102 4.16 9.75 9.67
N THR C 103 4.89 10.74 9.21
CA THR C 103 5.30 10.74 7.81
C THR C 103 6.22 9.55 7.48
N LYS C 104 7.10 9.19 8.40
CA LYS C 104 7.99 8.06 8.15
C LYS C 104 7.19 6.78 7.96
N TRP C 105 6.09 6.59 8.72
CA TRP C 105 5.28 5.40 8.51
C TRP C 105 4.77 5.35 7.07
N PHE C 106 4.24 6.49 6.57
CA PHE C 106 3.73 6.49 5.21
C PHE C 106 4.84 6.30 4.18
N THR C 107 5.98 6.97 4.37
CA THR C 107 7.07 6.81 3.39
C THR C 107 7.67 5.41 3.45
N ASP C 108 7.65 4.77 4.61
CA ASP C 108 8.08 3.39 4.69
C ASP C 108 7.09 2.43 4.04
N HIS C 109 5.83 2.84 3.87
CA HIS C 109 4.78 2.00 3.31
C HIS C 109 4.32 2.47 1.94
N GLY C 110 5.22 3.08 1.15
CA GLY C 110 5.00 3.29 -0.25
C GLY C 110 4.45 4.65 -0.67
N PHE C 111 4.27 5.58 0.26
CA PHE C 111 3.86 6.92 -0.07
C PHE C 111 5.07 7.83 -0.28
N GLN C 112 4.92 8.80 -1.19
CA GLN C 112 5.90 9.86 -1.35
C GLN C 112 5.75 10.88 -0.23
N GLY C 113 6.88 11.29 0.34
CA GLY C 113 6.84 12.16 1.50
C GLY C 113 6.14 13.49 1.28
N ASP C 114 6.28 14.07 0.10
CA ASP C 114 5.64 15.35 -0.16
C ASP C 114 4.15 15.19 -0.50
N ARG C 115 3.57 14.01 -0.34
CA ARG C 115 2.14 13.84 -0.53
C ARG C 115 1.46 13.40 0.76
N ILE C 116 2.07 13.75 1.88
CA ILE C 116 1.57 13.49 3.23
C ILE C 116 1.30 14.83 3.90
N TYR C 117 0.04 15.10 4.19
CA TYR C 117 -0.41 16.35 4.78
C TYR C 117 -0.93 16.04 6.16
N ILE C 118 -0.40 16.72 7.17
CA ILE C 118 -0.84 16.54 8.56
C ILE C 118 -1.22 17.87 9.16
N VAL C 119 -2.41 17.95 9.72
CA VAL C 119 -2.85 19.16 10.42
C VAL C 119 -3.07 18.83 11.89
N PHE C 120 -2.75 19.76 12.77
CA PHE C 120 -2.89 19.58 14.20
C PHE C 120 -4.02 20.47 14.69
N ASN C 121 -4.91 19.91 15.51
CA ASN C 121 -6.06 20.63 16.03
C ASN C 121 -6.04 20.53 17.56
N PRO C 122 -5.44 21.51 18.25
CA PRO C 122 -5.40 21.47 19.72
C PRO C 122 -6.72 21.88 20.37
N MET D 22 27.86 -6.23 -16.16
CA MET D 22 26.62 -5.72 -15.54
C MET D 22 26.08 -6.78 -14.61
N PRO D 23 26.81 -7.08 -13.54
CA PRO D 23 26.47 -8.24 -12.73
C PRO D 23 25.26 -8.03 -11.81
N ALA D 24 24.55 -9.10 -11.61
CA ALA D 24 23.40 -9.12 -10.71
C ALA D 24 23.58 -10.32 -9.80
N LEU D 25 23.47 -10.09 -8.51
CA LEU D 25 23.54 -11.15 -7.53
C LEU D 25 22.17 -11.23 -6.87
N VAL D 26 21.51 -12.38 -7.04
CA VAL D 26 20.16 -12.61 -6.51
C VAL D 26 20.30 -13.63 -5.39
N ILE D 27 19.86 -13.26 -4.19
CA ILE D 27 20.11 -14.04 -2.99
C ILE D 27 18.78 -14.43 -2.33
N LYS D 28 18.66 -15.69 -1.91
CA LYS D 28 17.52 -16.15 -1.13
C LYS D 28 18.07 -16.90 0.08
N THR D 29 17.53 -16.62 1.26
CA THR D 29 17.98 -17.31 2.46
C THR D 29 16.80 -17.52 3.40
N ASN D 30 16.89 -18.61 4.21
CA ASN D 30 15.94 -18.81 5.29
C ASN D 30 16.38 -18.13 6.58
N ALA D 31 17.55 -17.49 6.60
CA ALA D 31 17.83 -16.63 7.73
C ALA D 31 16.85 -15.46 7.70
N LYS D 32 16.60 -14.89 8.88
CA LYS D 32 15.80 -13.68 9.04
C LYS D 32 16.68 -12.56 9.57
N PHE D 33 16.76 -11.48 8.82
CA PHE D 33 17.65 -10.36 9.11
C PHE D 33 16.86 -9.13 9.57
N THR D 34 17.48 -8.32 10.40
CA THR D 34 16.91 -7.00 10.64
C THR D 34 17.04 -6.15 9.37
N GLU D 35 16.32 -5.02 9.35
CA GLU D 35 16.42 -4.13 8.21
C GLU D 35 17.84 -3.64 8.02
N GLU D 36 18.53 -3.30 9.11
CA GLU D 36 19.89 -2.81 8.98
C GLU D 36 20.83 -3.92 8.54
N GLU D 37 20.60 -5.15 8.99
CA GLU D 37 21.40 -6.26 8.52
C GLU D 37 21.25 -6.47 7.02
N LYS D 38 20.02 -6.36 6.49
CA LYS D 38 19.83 -6.49 5.05
C LYS D 38 20.55 -5.38 4.29
N SER D 39 20.43 -4.16 4.80
CA SER D 39 21.10 -3.02 4.14
C SER D 39 22.61 -3.24 4.10
N LYS D 40 23.18 -3.69 5.22
CA LYS D 40 24.63 -3.96 5.26
C LYS D 40 25.00 -5.13 4.36
N ALA D 41 24.12 -6.13 4.28
CA ALA D 41 24.41 -7.31 3.47
C ALA D 41 24.48 -6.98 1.97
N THR D 42 23.51 -6.22 1.45
CA THR D 42 23.53 -5.91 0.03
C THR D 42 24.74 -5.01 -0.30
N GLU D 43 25.13 -4.15 0.64
CA GLU D 43 26.31 -3.31 0.48
C GLU D 43 27.57 -4.14 0.41
N GLU D 44 27.80 -5.00 1.42
CA GLU D 44 29.06 -5.73 1.51
C GLU D 44 29.19 -6.78 0.42
N LEU D 45 28.08 -7.47 0.10
CA LEU D 45 28.10 -8.47 -0.96
C LEU D 45 28.25 -7.85 -2.34
N GLY D 46 27.56 -6.75 -2.60
CA GLY D 46 27.79 -6.03 -3.84
C GLY D 46 29.22 -5.55 -3.97
N ASN D 47 29.79 -5.06 -2.87
CA ASN D 47 31.17 -4.61 -2.91
C ASN D 47 32.13 -5.76 -3.18
N ILE D 48 31.82 -6.95 -2.68
CA ILE D 48 32.64 -8.13 -2.98
C ILE D 48 32.60 -8.43 -4.46
N VAL D 49 31.42 -8.38 -5.06
CA VAL D 49 31.27 -8.62 -6.50
C VAL D 49 32.08 -7.61 -7.27
N SER D 50 31.99 -6.34 -6.88
CA SER D 50 32.76 -5.30 -7.55
C SER D 50 34.24 -5.66 -7.61
N LYS D 51 34.78 -6.08 -6.47
CA LYS D 51 36.22 -6.33 -6.38
C LYS D 51 36.64 -7.54 -7.20
N VAL D 52 35.93 -8.65 -7.06
CA VAL D 52 36.38 -9.89 -7.70
C VAL D 52 36.14 -9.85 -9.21
N LEU D 53 35.07 -9.20 -9.67
CA LEU D 53 34.81 -9.12 -11.10
C LEU D 53 35.50 -7.93 -11.76
N GLY D 54 36.10 -7.04 -10.98
CA GLY D 54 36.77 -5.88 -11.57
C GLY D 54 35.84 -4.97 -12.33
N LYS D 55 34.58 -4.89 -11.90
CA LYS D 55 33.62 -4.03 -12.55
C LYS D 55 33.22 -2.89 -11.62
N PRO D 56 32.91 -1.71 -12.15
CA PRO D 56 32.54 -0.59 -11.27
C PRO D 56 31.30 -0.97 -10.47
N ILE D 57 31.27 -0.52 -9.21
CA ILE D 57 30.10 -0.78 -8.38
C ILE D 57 28.86 -0.15 -8.98
N SER D 58 29.02 0.87 -9.85
CA SER D 58 27.84 1.54 -10.37
C SER D 58 26.93 0.62 -11.19
N TYR D 59 27.44 -0.51 -11.68
CA TYR D 59 26.63 -1.41 -12.49
C TYR D 59 26.27 -2.69 -11.77
N VAL D 60 26.50 -2.76 -10.45
CA VAL D 60 26.30 -3.99 -9.70
C VAL D 60 24.92 -3.93 -9.06
N MET D 61 24.15 -5.01 -9.26
CA MET D 61 22.83 -5.21 -8.68
C MET D 61 22.86 -6.35 -7.68
N VAL D 62 22.29 -6.13 -6.50
CA VAL D 62 22.15 -7.15 -5.49
C VAL D 62 20.69 -7.16 -5.03
N THR D 63 20.08 -8.34 -5.03
CA THR D 63 18.76 -8.52 -4.42
C THR D 63 18.89 -9.59 -3.34
N LEU D 64 18.23 -9.36 -2.21
CA LEU D 64 18.31 -10.27 -1.05
C LEU D 64 16.92 -10.46 -0.49
N GLU D 65 16.43 -11.69 -0.53
CA GLU D 65 15.14 -12.06 0.07
C GLU D 65 15.45 -12.97 1.25
N ASP D 66 15.03 -12.59 2.44
CA ASP D 66 15.20 -13.39 3.64
C ASP D 66 13.84 -13.97 4.07
N GLY D 67 13.87 -14.81 5.08
CA GLY D 67 12.67 -15.49 5.54
C GLY D 67 12.07 -16.44 4.51
N VAL D 68 12.82 -16.87 3.51
N VAL D 68 12.84 -16.83 3.50
CA VAL D 68 12.28 -17.78 2.52
CA VAL D 68 12.37 -17.81 2.53
C VAL D 68 12.46 -19.22 2.98
C VAL D 68 12.38 -19.21 3.14
N ALA D 69 11.50 -20.08 2.66
CA ALA D 69 11.53 -21.48 3.11
C ALA D 69 12.56 -22.20 2.27
N VAL D 70 13.58 -22.73 2.91
CA VAL D 70 14.67 -23.39 2.19
C VAL D 70 14.93 -24.77 2.74
N ARG D 71 15.17 -25.74 1.85
CA ARG D 71 15.68 -27.05 2.26
C ARG D 71 16.81 -27.45 1.34
N PHE D 72 17.95 -27.82 1.92
CA PHE D 72 19.15 -28.12 1.14
C PHE D 72 19.79 -29.36 1.76
N GLY D 73 19.98 -30.39 0.95
CA GLY D 73 20.40 -31.66 1.48
C GLY D 73 19.39 -32.29 2.41
N GLY D 74 18.11 -31.97 2.23
CA GLY D 74 17.09 -32.50 3.10
C GLY D 74 16.94 -31.79 4.43
N SER D 75 17.81 -30.84 4.73
CA SER D 75 17.84 -30.15 6.02
C SER D 75 17.36 -28.72 5.81
N ASP D 76 16.61 -28.21 6.78
CA ASP D 76 16.22 -26.80 6.75
C ASP D 76 17.07 -25.94 7.68
N GLU D 77 18.26 -26.40 8.05
CA GLU D 77 19.20 -25.52 8.73
C GLU D 77 19.49 -24.29 7.84
N LYS D 78 19.98 -23.24 8.48
CA LYS D 78 20.35 -22.01 7.81
C LYS D 78 21.09 -22.32 6.52
N ALA D 79 20.64 -21.70 5.43
CA ALA D 79 21.22 -21.92 4.11
C ALA D 79 20.96 -20.70 3.25
N ALA D 80 21.68 -20.62 2.15
CA ALA D 80 21.52 -19.51 1.22
C ALA D 80 21.66 -20.04 -0.19
N PHE D 81 20.81 -19.51 -1.07
CA PHE D 81 20.81 -19.79 -2.49
C PHE D 81 21.20 -18.50 -3.19
N MET D 82 22.16 -18.58 -4.12
CA MET D 82 22.61 -17.42 -4.87
C MET D 82 22.73 -17.73 -6.35
N SER D 83 22.27 -16.80 -7.18
CA SER D 83 22.56 -16.82 -8.60
C SER D 83 23.35 -15.56 -8.91
N LEU D 84 24.51 -15.73 -9.53
CA LEU D 84 25.35 -14.61 -9.93
C LEU D 84 25.27 -14.53 -11.45
N MET D 85 24.67 -13.48 -11.96
CA MET D 85 24.48 -13.28 -13.38
C MET D 85 25.46 -12.23 -13.86
N SER D 86 26.24 -12.59 -14.88
CA SER D 86 27.30 -11.75 -15.41
C SER D 86 27.11 -11.61 -16.91
N ILE D 87 27.45 -10.43 -17.44
CA ILE D 87 27.39 -10.19 -18.88
C ILE D 87 28.66 -10.79 -19.49
N GLY D 88 28.53 -12.00 -20.03
CA GLY D 88 29.66 -12.72 -20.60
C GLY D 88 30.24 -13.77 -19.68
N ASN D 91 34.63 -17.11 -16.80
CA ASN D 91 35.78 -18.01 -16.89
C ASN D 91 36.00 -18.76 -15.58
N ARG D 92 36.51 -19.99 -15.69
CA ARG D 92 36.66 -20.88 -14.54
C ARG D 92 37.32 -20.17 -13.36
N ALA D 93 38.39 -19.41 -13.62
CA ALA D 93 39.16 -18.83 -12.52
C ALA D 93 38.32 -17.84 -11.72
N VAL D 94 37.66 -16.90 -12.39
CA VAL D 94 36.89 -15.89 -11.66
C VAL D 94 35.78 -16.55 -10.86
N ASN D 95 35.19 -17.62 -11.40
CA ASN D 95 34.13 -18.31 -10.67
C ASN D 95 34.65 -18.83 -9.33
N LYS D 96 35.87 -19.33 -9.31
CA LYS D 96 36.44 -19.81 -8.04
C LYS D 96 36.58 -18.68 -7.03
N ARG D 97 37.11 -17.53 -7.47
CA ARG D 97 37.30 -16.41 -6.55
C ARG D 97 35.97 -15.84 -6.10
N ALA D 98 35.00 -15.73 -7.01
CA ALA D 98 33.71 -15.18 -6.64
C ALA D 98 33.00 -16.08 -5.62
N SER D 99 32.98 -17.38 -5.87
CA SER D 99 32.38 -18.30 -4.91
C SER D 99 33.05 -18.18 -3.55
N ALA D 100 34.38 -18.12 -3.55
CA ALA D 100 35.13 -18.06 -2.29
C ALA D 100 34.85 -16.76 -1.55
N ALA D 101 34.87 -15.64 -2.26
CA ALA D 101 34.70 -14.36 -1.59
C ALA D 101 33.26 -14.22 -1.07
N LEU D 102 32.27 -14.60 -1.88
CA LEU D 102 30.89 -14.54 -1.41
C LEU D 102 30.64 -15.52 -0.27
N THR D 103 31.18 -16.74 -0.37
CA THR D 103 30.97 -17.72 0.69
C THR D 103 31.55 -17.24 2.02
N LYS D 104 32.71 -16.56 1.99
CA LYS D 104 33.30 -16.10 3.23
C LYS D 104 32.41 -15.09 3.94
N TRP D 105 31.68 -14.26 3.18
CA TRP D 105 30.74 -13.37 3.83
C TRP D 105 29.72 -14.17 4.62
N PHE D 106 29.21 -15.25 4.03
CA PHE D 106 28.21 -16.03 4.71
C PHE D 106 28.78 -16.81 5.90
N THR D 107 29.95 -17.41 5.75
CA THR D 107 30.51 -18.16 6.88
C THR D 107 30.87 -17.23 8.03
N ASP D 108 31.25 -15.99 7.73
CA ASP D 108 31.49 -15.01 8.77
C ASP D 108 30.22 -14.57 9.48
N HIS D 109 29.05 -14.74 8.86
CA HIS D 109 27.78 -14.36 9.47
C HIS D 109 26.96 -15.59 9.90
N GLY D 110 27.66 -16.68 10.22
CA GLY D 110 27.05 -17.82 10.89
C GLY D 110 26.58 -18.94 10.01
N PHE D 111 26.78 -18.86 8.71
CA PHE D 111 26.40 -19.94 7.82
C PHE D 111 27.50 -20.99 7.74
N GLN D 112 27.09 -22.24 7.56
CA GLN D 112 28.01 -23.30 7.20
C GLN D 112 28.36 -23.20 5.72
N GLY D 113 29.65 -23.29 5.41
CA GLY D 113 30.07 -23.12 4.04
C GLY D 113 29.42 -24.10 3.09
N ASP D 114 29.14 -25.31 3.56
CA ASP D 114 28.53 -26.32 2.70
C ASP D 114 27.02 -26.12 2.55
N ARG D 115 26.46 -25.04 3.08
CA ARG D 115 25.05 -24.74 2.88
C ARG D 115 24.89 -23.44 2.09
N ILE D 116 25.90 -23.06 1.34
CA ILE D 116 25.88 -21.89 0.47
C ILE D 116 25.93 -22.44 -0.95
N TYR D 117 24.84 -22.26 -1.69
CA TYR D 117 24.69 -22.78 -3.05
C TYR D 117 24.78 -21.60 -4.00
N ILE D 118 25.75 -21.63 -4.90
CA ILE D 118 25.97 -20.54 -5.85
C ILE D 118 25.91 -21.11 -7.26
N VAL D 119 25.00 -20.57 -8.07
CA VAL D 119 24.86 -20.92 -9.47
C VAL D 119 25.22 -19.70 -10.30
N PHE D 120 25.93 -19.93 -11.42
CA PHE D 120 26.34 -18.86 -12.31
C PHE D 120 25.54 -18.94 -13.60
N ASN D 121 24.99 -17.80 -14.03
CA ASN D 121 24.21 -17.73 -15.26
C ASN D 121 24.81 -16.63 -16.12
N PRO D 122 25.69 -16.97 -17.06
CA PRO D 122 26.24 -15.95 -17.97
C PRO D 122 25.26 -15.58 -19.07
N LYS D 123 25.30 -14.31 -19.45
CA LYS D 123 24.35 -13.74 -20.39
C LYS D 123 25.07 -13.00 -21.51
N SER D 124 24.53 -13.07 -22.72
CA SER D 124 25.06 -12.28 -23.82
C SER D 124 24.51 -10.86 -23.73
N ALA D 125 25.18 -9.94 -24.42
CA ALA D 125 24.86 -8.52 -24.29
C ALA D 125 23.45 -8.22 -24.80
N GLU D 126 22.97 -8.94 -25.81
CA GLU D 126 21.65 -8.68 -26.36
C GLU D 126 20.51 -9.17 -25.47
N ASP D 127 20.81 -9.92 -24.40
CA ASP D 127 19.80 -10.42 -23.49
C ASP D 127 19.81 -9.70 -22.13
N TRP D 128 20.37 -8.49 -22.10
CA TRP D 128 20.44 -7.72 -20.87
C TRP D 128 19.87 -6.33 -21.11
N GLY D 129 18.81 -6.00 -20.38
CA GLY D 129 18.14 -4.72 -20.51
C GLY D 129 18.53 -3.76 -19.39
N PHE D 130 18.80 -2.52 -19.78
CA PHE D 130 19.16 -1.46 -18.85
C PHE D 130 18.69 -0.14 -19.43
N ASN D 131 17.95 0.62 -18.63
CA ASN D 131 17.51 1.96 -19.01
C ASN D 131 16.70 1.94 -20.31
N GLY D 132 15.81 0.96 -20.45
CA GLY D 132 14.94 0.91 -21.61
C GLY D 132 15.55 0.42 -22.89
N ASP D 133 16.80 -0.06 -22.85
CA ASP D 133 17.50 -0.57 -24.03
C ASP D 133 18.37 -1.73 -23.57
N THR D 134 19.06 -2.36 -24.53
CA THR D 134 20.02 -3.41 -24.23
C THR D 134 21.39 -3.02 -24.75
N PHE D 135 22.39 -3.83 -24.42
CA PHE D 135 23.78 -3.57 -24.79
C PHE D 135 24.17 -4.20 -26.13
N ALA D 136 23.21 -4.36 -27.05
CA ALA D 136 23.49 -4.92 -28.37
C ALA D 136 23.20 -3.94 -29.48
N SER E 21 4.89 -22.27 -25.09
CA SER E 21 5.49 -21.02 -25.52
C SER E 21 5.02 -19.85 -24.66
N MET E 22 4.58 -20.13 -23.46
CA MET E 22 3.97 -19.09 -22.63
C MET E 22 5.04 -18.36 -21.86
N PRO E 23 5.17 -17.03 -22.01
CA PRO E 23 6.25 -16.32 -21.34
C PRO E 23 6.00 -16.12 -19.84
N ALA E 24 7.08 -15.93 -19.11
CA ALA E 24 6.99 -15.65 -17.67
C ALA E 24 7.86 -14.46 -17.33
N LEU E 25 7.31 -13.54 -16.56
CA LEU E 25 7.98 -12.34 -16.09
C LEU E 25 8.05 -12.37 -14.57
N VAL E 26 9.26 -12.37 -14.03
CA VAL E 26 9.50 -12.41 -12.60
C VAL E 26 10.09 -11.07 -12.20
N ILE E 27 9.45 -10.38 -11.25
CA ILE E 27 9.78 -9.01 -10.87
C ILE E 27 10.13 -8.99 -9.38
N LYS E 28 11.22 -8.30 -9.03
CA LYS E 28 11.60 -8.05 -7.63
C LYS E 28 11.88 -6.55 -7.50
N THR E 29 11.37 -5.91 -6.44
CA THR E 29 11.65 -4.48 -6.22
C THR E 29 11.69 -4.20 -4.72
N ASN E 30 12.43 -3.17 -4.37
CA ASN E 30 12.43 -2.67 -3.00
C ASN E 30 11.30 -1.66 -2.76
N ALA E 31 10.53 -1.30 -3.78
CA ALA E 31 9.34 -0.49 -3.56
C ALA E 31 8.32 -1.31 -2.76
N LYS E 32 7.45 -0.63 -2.04
CA LYS E 32 6.37 -1.28 -1.31
C LYS E 32 5.03 -0.89 -1.93
N PHE E 33 4.27 -1.90 -2.34
CA PHE E 33 3.00 -1.75 -3.02
C PHE E 33 1.87 -2.23 -2.12
N THR E 34 0.69 -1.61 -2.27
CA THR E 34 -0.50 -2.19 -1.66
C THR E 34 -0.89 -3.43 -2.44
N GLU E 35 -1.80 -4.23 -1.86
CA GLU E 35 -2.28 -5.41 -2.58
C GLU E 35 -2.96 -5.00 -3.87
N GLU E 36 -3.74 -3.90 -3.84
CA GLU E 36 -4.40 -3.44 -5.06
C GLU E 36 -3.39 -2.93 -6.09
N GLU E 37 -2.32 -2.26 -5.64
CA GLU E 37 -1.28 -1.81 -6.56
C GLU E 37 -0.55 -2.99 -7.20
N LYS E 38 -0.29 -4.03 -6.43
CA LYS E 38 0.33 -5.23 -6.99
C LYS E 38 -0.58 -5.90 -8.02
N SER E 39 -1.88 -5.95 -7.72
CA SER E 39 -2.82 -6.59 -8.64
C SER E 39 -2.84 -5.87 -9.99
N LYS E 40 -2.88 -4.54 -9.97
CA LYS E 40 -2.83 -3.77 -11.19
C LYS E 40 -1.48 -3.94 -11.88
N ALA E 41 -0.40 -4.01 -11.13
CA ALA E 41 0.92 -4.11 -11.73
C ALA E 41 1.09 -5.43 -12.50
N THR E 42 0.67 -6.56 -11.91
CA THR E 42 0.87 -7.82 -12.62
C THR E 42 0.04 -7.86 -13.89
N GLU E 43 -1.17 -7.28 -13.84
CA GLU E 43 -2.02 -7.18 -15.02
C GLU E 43 -1.38 -6.31 -16.08
N GLU E 44 -0.92 -5.13 -15.71
CA GLU E 44 -0.41 -4.18 -16.70
C GLU E 44 0.92 -4.65 -17.25
N LEU E 45 1.78 -5.17 -16.39
CA LEU E 45 3.09 -5.66 -16.86
C LEU E 45 2.91 -6.91 -17.72
N GLY E 46 1.99 -7.79 -17.34
CA GLY E 46 1.69 -8.94 -18.18
C GLY E 46 1.19 -8.52 -19.54
N ASN E 47 0.32 -7.53 -19.60
CA ASN E 47 -0.18 -7.03 -20.88
C ASN E 47 0.94 -6.43 -21.71
N ILE E 48 1.91 -5.78 -21.05
CA ILE E 48 3.05 -5.24 -21.78
C ILE E 48 3.81 -6.36 -22.48
N VAL E 49 4.03 -7.46 -21.76
CA VAL E 49 4.75 -8.59 -22.32
C VAL E 49 4.01 -9.17 -23.52
N SER E 50 2.69 -9.39 -23.37
CA SER E 50 1.90 -9.92 -24.47
C SER E 50 2.04 -9.04 -25.73
N LYS E 51 1.94 -7.72 -25.54
CA LYS E 51 1.99 -6.80 -26.66
C LYS E 51 3.36 -6.83 -27.34
N VAL E 52 4.46 -6.78 -26.57
CA VAL E 52 5.75 -6.66 -27.22
C VAL E 52 6.14 -7.98 -27.86
N LEU E 53 5.73 -9.10 -27.28
CA LEU E 53 6.04 -10.42 -27.85
C LEU E 53 5.02 -10.86 -28.89
N GLY E 54 3.96 -10.09 -29.10
CA GLY E 54 2.97 -10.47 -30.08
C GLY E 54 2.24 -11.75 -29.73
N LYS E 55 1.97 -11.98 -28.48
CA LYS E 55 1.23 -13.13 -28.00
C LYS E 55 -0.12 -12.67 -27.45
N PRO E 56 -1.11 -13.56 -27.42
CA PRO E 56 -2.45 -13.13 -26.99
C PRO E 56 -2.45 -12.58 -25.58
N ILE E 57 -3.34 -11.61 -25.36
CA ILE E 57 -3.46 -11.00 -24.03
C ILE E 57 -3.85 -12.10 -23.05
N SER E 58 -3.23 -12.08 -21.87
CA SER E 58 -3.48 -12.98 -20.73
C SER E 58 -2.64 -14.25 -20.78
N TYR E 59 -1.95 -14.52 -21.88
CA TYR E 59 -1.17 -15.76 -22.05
C TYR E 59 0.25 -15.47 -21.57
N VAL E 60 0.39 -15.40 -20.23
CA VAL E 60 1.61 -14.95 -19.60
C VAL E 60 1.53 -15.23 -18.11
N MET E 61 2.67 -15.60 -17.53
CA MET E 61 2.80 -15.74 -16.09
C MET E 61 3.62 -14.56 -15.57
N VAL E 62 3.14 -13.91 -14.52
CA VAL E 62 3.83 -12.77 -13.93
C VAL E 62 3.90 -13.02 -12.43
N THR E 63 5.09 -12.84 -11.85
CA THR E 63 5.25 -12.83 -10.41
C THR E 63 5.90 -11.53 -9.99
N LEU E 64 5.44 -10.97 -8.87
CA LEU E 64 5.92 -9.68 -8.39
C LEU E 64 6.14 -9.78 -6.89
N GLU E 65 7.37 -9.55 -6.46
CA GLU E 65 7.74 -9.51 -5.05
C GLU E 65 8.23 -8.09 -4.75
N ASP E 66 7.62 -7.45 -3.78
CA ASP E 66 7.96 -6.08 -3.39
C ASP E 66 8.57 -6.15 -1.99
N GLY E 67 9.07 -5.02 -1.52
CA GLY E 67 9.73 -5.01 -0.22
C GLY E 67 11.01 -5.84 -0.16
N VAL E 68 11.60 -6.16 -1.29
CA VAL E 68 12.83 -6.93 -1.34
C VAL E 68 13.97 -5.98 -1.01
N ALA E 69 15.02 -6.49 -0.35
CA ALA E 69 16.23 -5.65 -0.17
C ALA E 69 17.00 -5.62 -1.49
N VAL E 70 17.15 -4.43 -2.07
CA VAL E 70 17.80 -4.25 -3.34
C VAL E 70 18.85 -3.13 -3.20
N ARG E 71 20.01 -3.37 -3.77
CA ARG E 71 21.02 -2.32 -3.91
C ARG E 71 21.52 -2.37 -5.35
N PHE E 72 21.60 -1.20 -5.98
CA PHE E 72 22.00 -1.10 -7.38
C PHE E 72 22.87 0.13 -7.52
N GLY E 73 24.08 -0.06 -8.06
CA GLY E 73 25.04 1.02 -8.12
C GLY E 73 25.47 1.51 -6.76
N GLY E 74 25.41 0.66 -5.74
CA GLY E 74 25.73 1.03 -4.37
C GLY E 74 24.61 1.71 -3.61
N SER E 75 23.49 2.02 -4.26
CA SER E 75 22.39 2.77 -3.65
C SER E 75 21.17 1.88 -3.43
N ASP E 76 20.46 2.12 -2.31
CA ASP E 76 19.22 1.41 -2.04
C ASP E 76 17.98 2.23 -2.40
N GLU E 77 18.14 3.26 -3.24
CA GLU E 77 16.98 3.94 -3.83
C GLU E 77 16.14 2.93 -4.60
N LYS E 78 14.89 3.29 -4.87
CA LYS E 78 13.99 2.46 -5.65
C LYS E 78 14.66 1.88 -6.88
N ALA E 79 14.51 0.57 -7.05
CA ALA E 79 15.08 -0.15 -8.17
C ALA E 79 14.23 -1.40 -8.39
N ALA E 80 14.43 -2.03 -9.55
CA ALA E 80 13.68 -3.24 -9.87
C ALA E 80 14.56 -4.16 -10.69
N PHE E 81 14.42 -5.47 -10.44
CA PHE E 81 15.10 -6.51 -11.18
C PHE E 81 14.03 -7.38 -11.80
N MET E 82 14.14 -7.65 -13.09
CA MET E 82 13.17 -8.47 -13.82
C MET E 82 13.90 -9.51 -14.65
N SER E 83 13.34 -10.72 -14.69
CA SER E 83 13.75 -11.77 -15.62
C SER E 83 12.56 -12.10 -16.51
N LEU E 84 12.76 -12.06 -17.82
CA LEU E 84 11.72 -12.41 -18.80
C LEU E 84 12.14 -13.69 -19.53
N MET E 85 11.34 -14.74 -19.39
CA MET E 85 11.58 -16.03 -20.03
C MET E 85 10.55 -16.30 -21.12
N SER E 86 11.01 -16.65 -22.31
CA SER E 86 10.10 -16.97 -23.40
CA SER E 86 10.09 -16.98 -23.40
C SER E 86 10.73 -18.00 -24.32
N ILE E 87 10.06 -19.12 -24.51
CA ILE E 87 10.50 -20.14 -25.48
C ILE E 87 10.04 -19.64 -26.85
N GLY E 88 10.98 -19.10 -27.62
CA GLY E 88 10.61 -18.47 -28.86
C GLY E 88 9.98 -17.11 -28.64
N GLY E 89 10.61 -16.07 -29.15
CA GLY E 89 10.11 -14.73 -29.01
C GLY E 89 11.20 -13.71 -28.73
N LEU E 90 12.32 -14.18 -28.20
CA LEU E 90 13.41 -13.29 -27.79
C LEU E 90 14.52 -13.27 -28.84
N ASN E 91 15.11 -12.10 -29.04
CA ASN E 91 16.08 -11.80 -30.10
C ASN E 91 16.43 -10.33 -29.93
N ARG E 92 17.63 -9.95 -30.42
CA ARG E 92 18.14 -8.59 -30.15
C ARG E 92 17.06 -7.52 -30.33
N ALA E 93 16.32 -7.58 -31.43
CA ALA E 93 15.33 -6.53 -31.69
C ALA E 93 14.21 -6.53 -30.67
N VAL E 94 13.58 -7.68 -30.45
CA VAL E 94 12.44 -7.76 -29.52
C VAL E 94 12.89 -7.42 -28.10
N ASN E 95 14.09 -7.84 -27.72
CA ASN E 95 14.57 -7.54 -26.38
C ASN E 95 14.63 -6.03 -26.17
N LYS E 96 15.06 -5.29 -27.19
CA LYS E 96 15.13 -3.84 -27.07
C LYS E 96 13.75 -3.24 -26.86
N ARG E 97 12.75 -3.70 -27.62
CA ARG E 97 11.39 -3.18 -27.46
C ARG E 97 10.79 -3.57 -26.12
N ALA E 98 11.04 -4.81 -25.67
CA ALA E 98 10.52 -5.24 -24.38
C ALA E 98 11.13 -4.43 -23.25
N SER E 99 12.44 -4.22 -23.29
CA SER E 99 13.10 -3.38 -22.30
C SER E 99 12.48 -2.00 -22.26
N ALA E 100 12.23 -1.38 -23.42
CA ALA E 100 11.68 -0.03 -23.43
C ALA E 100 10.26 0.00 -22.84
N ALA E 101 9.41 -0.95 -23.25
CA ALA E 101 8.03 -0.95 -22.78
C ALA E 101 7.94 -1.28 -21.29
N LEU E 102 8.72 -2.26 -20.82
CA LEU E 102 8.72 -2.58 -19.39
C LEU E 102 9.32 -1.45 -18.56
N THR E 103 10.42 -0.85 -19.03
CA THR E 103 11.00 0.25 -18.27
C THR E 103 10.01 1.41 -18.16
N LYS E 104 9.24 1.64 -19.23
CA LYS E 104 8.25 2.73 -19.23
C LYS E 104 7.19 2.54 -18.15
N TRP E 105 6.76 1.30 -17.91
CA TRP E 105 5.81 1.10 -16.81
C TRP E 105 6.41 1.61 -15.51
N PHE E 106 7.68 1.31 -15.28
CA PHE E 106 8.31 1.70 -14.03
C PHE E 106 8.56 3.20 -13.95
N THR E 107 9.04 3.82 -15.03
CA THR E 107 9.24 5.27 -14.99
C THR E 107 7.92 5.98 -14.86
N ASP E 108 6.85 5.43 -15.42
CA ASP E 108 5.54 6.03 -15.24
C ASP E 108 5.06 5.93 -13.80
N HIS E 109 5.62 5.00 -13.02
CA HIS E 109 5.25 4.81 -11.61
C HIS E 109 6.36 5.24 -10.65
N GLY E 110 7.20 6.20 -11.05
CA GLY E 110 8.10 6.86 -10.13
C GLY E 110 9.51 6.31 -10.03
N PHE E 111 9.86 5.30 -10.82
CA PHE E 111 11.21 4.78 -10.82
C PHE E 111 12.10 5.56 -11.79
N GLN E 112 13.38 5.63 -11.48
CA GLN E 112 14.37 6.10 -12.43
C GLN E 112 14.61 4.99 -13.45
N GLY E 113 14.61 5.34 -14.73
CA GLY E 113 14.79 4.33 -15.77
C GLY E 113 16.11 3.61 -15.68
N ASP E 114 17.16 4.29 -15.20
CA ASP E 114 18.48 3.68 -15.08
C ASP E 114 18.66 2.86 -13.80
N ARG E 115 17.58 2.57 -13.05
CA ARG E 115 17.63 1.66 -11.91
C ARG E 115 16.75 0.43 -12.14
N ILE E 116 16.50 0.11 -13.40
CA ILE E 116 15.71 -1.03 -13.84
C ILE E 116 16.60 -2.00 -14.61
N TYR E 117 16.79 -3.20 -14.06
CA TYR E 117 17.60 -4.23 -14.70
C TYR E 117 16.67 -5.33 -15.20
N ILE E 118 16.76 -5.66 -16.49
CA ILE E 118 15.97 -6.72 -17.10
C ILE E 118 16.91 -7.72 -17.74
N VAL E 119 16.78 -8.99 -17.40
CA VAL E 119 17.57 -10.03 -18.04
C VAL E 119 16.60 -10.94 -18.83
N PHE E 120 17.00 -11.30 -20.04
CA PHE E 120 16.19 -12.06 -20.96
C PHE E 120 16.72 -13.49 -21.04
N ASN E 121 15.83 -14.48 -20.96
CA ASN E 121 16.18 -15.90 -20.95
C ASN E 121 15.45 -16.63 -22.07
N PRO E 122 15.98 -16.58 -23.29
CA PRO E 122 15.35 -17.34 -24.38
C PRO E 122 15.44 -18.85 -24.16
N MET F 22 23.78 -31.17 -8.83
CA MET F 22 23.19 -30.42 -7.72
C MET F 22 21.99 -29.62 -8.17
N PRO F 23 20.84 -30.28 -8.31
CA PRO F 23 19.65 -29.59 -8.80
C PRO F 23 19.09 -28.61 -7.77
N ALA F 24 18.28 -27.69 -8.27
CA ALA F 24 17.64 -26.67 -7.45
C ALA F 24 16.25 -26.39 -7.99
N LEU F 25 15.26 -26.41 -7.09
CA LEU F 25 13.88 -26.13 -7.42
C LEU F 25 13.47 -24.83 -6.73
N VAL F 26 12.96 -23.88 -7.51
CA VAL F 26 12.56 -22.57 -6.98
C VAL F 26 11.07 -22.42 -7.19
N ILE F 27 10.33 -22.26 -6.09
CA ILE F 27 8.87 -22.23 -6.10
C ILE F 27 8.39 -20.86 -5.65
N LYS F 28 7.46 -20.27 -6.41
CA LYS F 28 6.77 -19.05 -6.01
C LYS F 28 5.28 -19.29 -6.12
N THR F 29 4.52 -18.89 -5.09
CA THR F 29 3.09 -19.08 -5.13
C THR F 29 2.40 -17.92 -4.40
N ASN F 30 1.20 -17.61 -4.85
CA ASN F 30 0.36 -16.64 -4.18
C ASN F 30 -0.50 -17.28 -3.09
N ALA F 31 -0.43 -18.60 -2.92
CA ALA F 31 -1.02 -19.23 -1.75
C ALA F 31 -0.21 -18.89 -0.50
N LYS F 32 -0.84 -19.06 0.66
CA LYS F 32 -0.20 -18.80 1.95
C LYS F 32 -0.09 -20.12 2.71
N PHE F 33 1.13 -20.46 3.10
CA PHE F 33 1.42 -21.71 3.78
C PHE F 33 1.86 -21.46 5.21
N THR F 34 1.40 -22.30 6.13
CA THR F 34 1.95 -22.26 7.47
C THR F 34 3.41 -22.71 7.45
N GLU F 35 4.06 -22.60 8.61
CA GLU F 35 5.45 -23.03 8.68
C GLU F 35 5.57 -24.54 8.58
N GLU F 36 4.66 -25.29 9.21
CA GLU F 36 4.68 -26.73 9.05
C GLU F 36 4.44 -27.10 7.59
N GLU F 37 3.52 -26.40 6.93
CA GLU F 37 3.22 -26.68 5.52
C GLU F 37 4.41 -26.41 4.60
N LYS F 38 5.14 -25.34 4.87
CA LYS F 38 6.36 -25.07 4.11
C LYS F 38 7.40 -26.15 4.34
N SER F 39 7.57 -26.56 5.59
CA SER F 39 8.58 -27.56 5.91
C SER F 39 8.29 -28.88 5.17
N LYS F 40 7.02 -29.31 5.15
CA LYS F 40 6.68 -30.55 4.45
C LYS F 40 6.76 -30.39 2.95
N ALA F 41 6.44 -29.20 2.43
CA ALA F 41 6.46 -28.98 0.99
C ALA F 41 7.86 -29.04 0.43
N THR F 42 8.84 -28.42 1.13
CA THR F 42 10.20 -28.47 0.64
C THR F 42 10.81 -29.85 0.81
N GLU F 43 10.39 -30.62 1.81
CA GLU F 43 10.81 -32.03 1.91
C GLU F 43 10.19 -32.85 0.80
N GLU F 44 8.89 -32.74 0.60
CA GLU F 44 8.20 -33.60 -0.37
C GLU F 44 8.55 -33.23 -1.80
N LEU F 45 8.57 -31.95 -2.12
CA LEU F 45 8.97 -31.53 -3.45
C LEU F 45 10.44 -31.85 -3.71
N GLY F 46 11.30 -31.64 -2.69
CA GLY F 46 12.67 -32.06 -2.83
C GLY F 46 12.81 -33.55 -3.09
N ASN F 47 12.01 -34.36 -2.38
CA ASN F 47 12.04 -35.80 -2.59
C ASN F 47 11.61 -36.16 -4.01
N ILE F 48 10.51 -35.56 -4.47
CA ILE F 48 10.04 -35.77 -5.83
C ILE F 48 11.16 -35.47 -6.82
N VAL F 49 11.85 -34.34 -6.63
CA VAL F 49 12.97 -34.01 -7.52
C VAL F 49 14.02 -35.12 -7.50
N SER F 50 14.41 -35.55 -6.29
CA SER F 50 15.43 -36.58 -6.17
C SER F 50 15.03 -37.86 -6.89
N LYS F 51 13.77 -38.28 -6.72
CA LYS F 51 13.29 -39.49 -7.39
C LYS F 51 13.39 -39.35 -8.91
N VAL F 52 12.73 -38.33 -9.47
CA VAL F 52 12.62 -38.28 -10.93
C VAL F 52 13.96 -38.01 -11.58
N LEU F 53 14.84 -37.24 -10.92
CA LEU F 53 16.16 -36.98 -11.45
C LEU F 53 17.19 -38.02 -11.04
N GLY F 54 16.82 -38.96 -10.16
CA GLY F 54 17.75 -39.98 -9.72
C GLY F 54 19.02 -39.42 -9.11
N LYS F 55 18.89 -38.42 -8.23
CA LYS F 55 20.01 -37.87 -7.49
C LYS F 55 19.69 -37.89 -6.00
N PRO F 56 20.68 -38.16 -5.14
CA PRO F 56 20.41 -38.20 -3.71
C PRO F 56 19.98 -36.86 -3.15
N ILE F 57 19.18 -36.90 -2.09
CA ILE F 57 18.62 -35.68 -1.53
C ILE F 57 19.71 -34.76 -0.99
N SER F 58 20.90 -35.30 -0.69
CA SER F 58 21.98 -34.43 -0.27
C SER F 58 22.29 -33.36 -1.29
N TYR F 59 21.87 -33.55 -2.56
CA TYR F 59 22.16 -32.60 -3.62
C TYR F 59 21.04 -31.59 -3.84
N VAL F 60 19.83 -31.87 -3.36
CA VAL F 60 18.65 -31.16 -3.81
C VAL F 60 18.47 -29.89 -3.00
N MET F 61 18.49 -28.74 -3.68
CA MET F 61 18.15 -27.46 -3.08
C MET F 61 16.72 -27.12 -3.45
N VAL F 62 15.94 -26.66 -2.47
CA VAL F 62 14.55 -26.27 -2.70
C VAL F 62 14.31 -24.93 -2.02
N THR F 63 13.68 -23.99 -2.72
CA THR F 63 13.27 -22.74 -2.10
C THR F 63 11.80 -22.54 -2.40
N LEU F 64 11.07 -22.05 -1.40
CA LEU F 64 9.63 -21.80 -1.54
C LEU F 64 9.29 -20.44 -0.97
N GLU F 65 8.65 -19.60 -1.79
CA GLU F 65 8.19 -18.28 -1.42
C GLU F 65 6.68 -18.26 -1.60
N ASP F 66 5.95 -17.99 -0.54
CA ASP F 66 4.49 -17.93 -0.59
C ASP F 66 4.04 -16.48 -0.40
N GLY F 67 2.75 -16.23 -0.62
CA GLY F 67 2.25 -14.86 -0.54
C GLY F 67 2.80 -13.92 -1.61
N VAL F 68 3.30 -14.46 -2.71
CA VAL F 68 3.82 -13.66 -3.82
C VAL F 68 2.65 -13.19 -4.67
N ALA F 69 2.74 -11.98 -5.23
CA ALA F 69 1.73 -11.56 -6.19
C ALA F 69 1.92 -12.31 -7.50
N VAL F 70 0.93 -13.09 -7.91
CA VAL F 70 1.01 -13.89 -9.12
C VAL F 70 -0.20 -13.61 -10.02
N ARG F 71 0.04 -13.58 -11.32
CA ARG F 71 -1.03 -13.56 -12.31
C ARG F 71 -0.69 -14.59 -13.37
N PHE F 72 -1.66 -15.41 -13.72
CA PHE F 72 -1.46 -16.54 -14.63
C PHE F 72 -2.72 -16.66 -15.46
N GLY F 73 -2.59 -16.59 -16.77
CA GLY F 73 -3.75 -16.61 -17.62
C GLY F 73 -4.66 -15.43 -17.44
N GLY F 74 -4.14 -14.31 -16.92
CA GLY F 74 -4.93 -13.14 -16.63
C GLY F 74 -5.54 -13.09 -15.26
N SER F 75 -5.48 -14.19 -14.50
CA SER F 75 -6.18 -14.37 -13.24
C SER F 75 -5.21 -14.47 -12.09
N ASP F 76 -5.56 -13.86 -10.96
CA ASP F 76 -4.76 -13.97 -9.75
C ASP F 76 -5.29 -15.05 -8.80
N GLU F 77 -6.02 -16.02 -9.33
CA GLU F 77 -6.40 -17.18 -8.56
C GLU F 77 -5.18 -18.01 -8.23
N LYS F 78 -5.33 -18.88 -7.23
CA LYS F 78 -4.22 -19.67 -6.72
C LYS F 78 -3.43 -20.30 -7.86
N ALA F 79 -2.11 -20.08 -7.86
CA ALA F 79 -1.23 -20.54 -8.91
C ALA F 79 0.16 -20.76 -8.34
N ALA F 80 1.00 -21.48 -9.09
CA ALA F 80 2.36 -21.71 -8.64
C ALA F 80 3.31 -21.69 -9.83
N PHE F 81 4.43 -21.01 -9.66
CA PHE F 81 5.50 -20.94 -10.65
C PHE F 81 6.69 -21.72 -10.10
N MET F 82 7.31 -22.54 -10.96
CA MET F 82 8.47 -23.33 -10.57
C MET F 82 9.55 -23.28 -11.64
N SER F 83 10.79 -23.11 -11.21
CA SER F 83 11.97 -23.23 -12.03
C SER F 83 12.85 -24.36 -11.47
N LEU F 84 13.15 -25.34 -12.30
CA LEU F 84 13.99 -26.45 -11.91
C LEU F 84 15.29 -26.34 -12.68
N MET F 85 16.41 -26.19 -11.96
CA MET F 85 17.73 -26.15 -12.56
C MET F 85 18.48 -27.45 -12.26
N SER F 86 19.19 -27.96 -13.26
CA SER F 86 20.01 -29.16 -13.10
C SER F 86 21.17 -29.16 -14.08
N ASN F 91 16.28 -34.21 -19.92
CA ASN F 91 15.87 -34.98 -21.10
C ASN F 91 14.35 -35.02 -21.20
N ARG F 92 13.84 -35.16 -22.42
CA ARG F 92 12.39 -35.11 -22.65
C ARG F 92 11.66 -36.08 -21.73
N ALA F 93 12.16 -37.31 -21.59
CA ALA F 93 11.47 -38.28 -20.75
C ALA F 93 11.36 -37.81 -19.31
N VAL F 94 12.43 -37.23 -18.78
CA VAL F 94 12.42 -36.80 -17.37
C VAL F 94 11.50 -35.61 -17.19
N ASN F 95 11.60 -34.62 -18.09
CA ASN F 95 10.82 -33.39 -17.93
C ASN F 95 9.33 -33.69 -17.80
N LYS F 96 8.81 -34.60 -18.62
CA LYS F 96 7.40 -34.94 -18.52
C LYS F 96 7.09 -35.56 -17.17
N ARG F 97 7.96 -36.45 -16.68
CA ARG F 97 7.75 -37.07 -15.38
C ARG F 97 7.93 -36.05 -14.26
N ALA F 98 9.01 -35.27 -14.32
CA ALA F 98 9.19 -34.20 -13.33
C ALA F 98 8.00 -33.26 -13.32
N SER F 99 7.55 -32.83 -14.50
CA SER F 99 6.37 -31.97 -14.59
C SER F 99 5.16 -32.66 -13.99
N ALA F 100 4.85 -33.86 -14.45
CA ALA F 100 3.70 -34.58 -13.92
C ALA F 100 3.85 -34.79 -12.42
N ALA F 101 5.06 -35.11 -11.97
CA ALA F 101 5.28 -35.39 -10.55
C ALA F 101 5.14 -34.13 -9.71
N LEU F 102 5.84 -33.07 -10.10
CA LEU F 102 5.72 -31.81 -9.36
C LEU F 102 4.28 -31.31 -9.42
N THR F 103 3.68 -31.33 -10.61
CA THR F 103 2.29 -30.88 -10.73
C THR F 103 1.38 -31.70 -9.83
N LYS F 104 1.57 -33.02 -9.80
CA LYS F 104 0.73 -33.87 -8.98
C LYS F 104 0.78 -33.47 -7.51
N TRP F 105 1.95 -33.13 -7.01
CA TRP F 105 2.03 -32.65 -5.62
C TRP F 105 1.08 -31.47 -5.43
N PHE F 106 1.10 -30.51 -6.36
CA PHE F 106 0.26 -29.33 -6.20
C PHE F 106 -1.20 -29.67 -6.37
N THR F 107 -1.54 -30.40 -7.45
CA THR F 107 -2.94 -30.77 -7.64
C THR F 107 -3.44 -31.57 -6.46
N ASP F 108 -2.55 -32.30 -5.78
CA ASP F 108 -2.93 -33.04 -4.60
C ASP F 108 -3.18 -32.14 -3.39
N HIS F 109 -2.61 -30.92 -3.39
CA HIS F 109 -2.69 -29.99 -2.27
C HIS F 109 -3.56 -28.77 -2.59
N GLY F 110 -4.52 -28.93 -3.50
CA GLY F 110 -5.54 -27.94 -3.71
C GLY F 110 -5.35 -27.00 -4.87
N PHE F 111 -4.31 -27.17 -5.68
CA PHE F 111 -4.11 -26.33 -6.84
C PHE F 111 -4.81 -26.91 -8.06
N GLN F 112 -5.23 -26.03 -8.97
CA GLN F 112 -5.73 -26.45 -10.26
C GLN F 112 -4.53 -26.80 -11.14
N GLY F 113 -4.58 -27.98 -11.76
CA GLY F 113 -3.45 -28.43 -12.54
C GLY F 113 -3.05 -27.45 -13.63
N ASP F 114 -4.04 -26.81 -14.27
CA ASP F 114 -3.76 -25.85 -15.31
C ASP F 114 -3.11 -24.58 -14.78
N ARG F 115 -3.03 -24.40 -13.47
CA ARG F 115 -2.47 -23.18 -12.88
C ARG F 115 -1.08 -23.42 -12.29
N ILE F 116 -0.39 -24.46 -12.76
CA ILE F 116 0.97 -24.77 -12.35
C ILE F 116 1.88 -24.60 -13.56
N TYR F 117 2.95 -23.83 -13.38
CA TYR F 117 3.83 -23.41 -14.46
C TYR F 117 5.26 -23.80 -14.09
N ILE F 118 5.88 -24.66 -14.91
CA ILE F 118 7.19 -25.20 -14.58
C ILE F 118 8.13 -24.92 -15.75
N VAL F 119 9.25 -24.27 -15.47
CA VAL F 119 10.27 -24.03 -16.48
C VAL F 119 11.54 -24.78 -16.08
N PHE F 120 12.28 -25.25 -17.08
CA PHE F 120 13.44 -26.10 -16.86
C PHE F 120 14.68 -25.36 -17.33
N ASN F 121 15.64 -25.19 -16.42
CA ASN F 121 16.84 -24.40 -16.68
C ASN F 121 18.11 -25.19 -16.36
#